data_1VBL
#
_entry.id   1VBL
#
_cell.length_a   58.610
_cell.length_b   58.610
_cell.length_c   229.420
_cell.angle_alpha   90.00
_cell.angle_beta   90.00
_cell.angle_gamma   120.00
#
_symmetry.space_group_name_H-M   'P 31 2 1'
#
loop_
_entity.id
_entity.type
_entity.pdbx_description
1 polymer 'pectate lyase 47'
2 non-polymer 'CALCIUM ION'
3 water water
#
_entity_poly.entity_id   1
_entity_poly.type   'polypeptide(L)'
_entity_poly.pdbx_seq_one_letter_code
;KELGHEVLKPYDGWAAYGEGTTGGAMASPQNVFVVTNRTELIQALGGNNHTNQYNSVPKIIYVKGTIDLNVDDNNQPVGP
DFYKDPHFDFEAYLREYDPATWGKKEVEGPLEEARVRSQKKQKDRIMVYVGSNTSIIGVGKDAKIKGGGFLIKNVDNVII
RNIEFEAPLDYFPEWDPTDGTLGEWNSEYDSISIEGSSHIWIDHNTFTDGDHPDRSLGTYFGRPFQQHDGALDIKNSSDF
ITISYNVFTNHDKVTLIGASDSRMADSGHLRVTLHHNYYKNVTQRLPRVRFGQVHIYNNYYEFSNLADYDFQYAWGVGVF
SQIYAQNNYFSFDWDIDPSLIIKVWSKNEESMYETGTIVDLPNGRRYIDLVASYNESNTLQLKKEVTWKPMFYHVIHPTP
SVPALVKAKAGAGNLH
;
_entity_poly.pdbx_strand_id   A
#
loop_
_chem_comp.id
_chem_comp.type
_chem_comp.name
_chem_comp.formula
CA non-polymer 'CALCIUM ION' 'Ca 2'
#
# COMPACT_ATOMS: atom_id res chain seq x y z
N LYS A 1 -22.49 -19.82 -0.20
CA LYS A 1 -21.36 -20.28 0.66
C LYS A 1 -20.91 -19.15 1.58
N GLU A 2 -19.81 -19.39 2.31
CA GLU A 2 -19.26 -18.40 3.23
C GLU A 2 -18.47 -17.33 2.50
N LEU A 3 -18.22 -16.22 3.17
CA LEU A 3 -17.45 -15.13 2.57
C LEU A 3 -16.05 -15.61 2.23
N GLY A 4 -15.52 -16.51 3.07
CA GLY A 4 -14.18 -17.04 2.83
C GLY A 4 -14.15 -17.96 1.64
N HIS A 5 -15.33 -18.33 1.15
CA HIS A 5 -15.45 -19.21 -0.01
C HIS A 5 -15.45 -18.44 -1.32
N GLU A 6 -15.62 -17.12 -1.25
CA GLU A 6 -15.66 -16.28 -2.43
C GLU A 6 -14.28 -16.11 -3.07
N VAL A 7 -14.24 -16.14 -4.39
CA VAL A 7 -12.98 -15.98 -5.11
C VAL A 7 -13.07 -14.88 -6.14
N LEU A 8 -11.92 -14.55 -6.72
CA LEU A 8 -11.83 -13.50 -7.73
C LEU A 8 -12.58 -13.89 -9.01
N LYS A 9 -13.36 -12.96 -9.56
CA LYS A 9 -14.10 -13.22 -10.79
C LYS A 9 -13.12 -13.61 -11.88
N PRO A 10 -13.58 -14.42 -12.85
CA PRO A 10 -12.75 -14.89 -13.97
C PRO A 10 -11.93 -13.86 -14.76
N TYR A 11 -12.42 -12.63 -14.86
CA TYR A 11 -11.70 -11.60 -15.60
C TYR A 11 -11.41 -10.36 -14.77
N ASP A 12 -11.50 -10.47 -13.45
CA ASP A 12 -11.28 -9.31 -12.60
C ASP A 12 -9.82 -8.94 -12.37
N GLY A 13 -9.24 -8.20 -13.30
CA GLY A 13 -7.87 -7.76 -13.18
C GLY A 13 -6.78 -8.77 -13.44
N TRP A 14 -5.53 -8.31 -13.38
CA TRP A 14 -4.38 -9.17 -13.62
C TRP A 14 -4.32 -10.42 -12.74
N ALA A 15 -4.89 -10.36 -11.54
CA ALA A 15 -4.87 -11.51 -10.65
C ALA A 15 -5.73 -12.66 -11.18
N ALA A 16 -6.51 -12.38 -12.22
CA ALA A 16 -7.36 -13.40 -12.82
C ALA A 16 -6.61 -14.21 -13.87
N TYR A 17 -5.39 -13.77 -14.18
CA TYR A 17 -4.56 -14.45 -15.18
C TYR A 17 -4.44 -15.94 -14.90
N GLY A 18 -4.51 -16.74 -15.96
CA GLY A 18 -4.39 -18.18 -15.83
C GLY A 18 -5.51 -18.81 -15.03
N GLU A 19 -5.15 -19.47 -13.93
CA GLU A 19 -6.14 -20.10 -13.05
C GLU A 19 -6.81 -19.11 -12.11
N GLY A 20 -6.34 -17.88 -12.13
CA GLY A 20 -6.93 -16.86 -11.28
C GLY A 20 -6.51 -16.93 -9.82
N THR A 21 -7.28 -16.27 -8.97
CA THR A 21 -6.98 -16.23 -7.55
C THR A 21 -8.15 -16.79 -6.73
N THR A 22 -7.85 -17.84 -5.97
CA THR A 22 -8.86 -18.49 -5.15
C THR A 22 -8.51 -18.45 -3.67
N GLY A 23 -7.33 -17.96 -3.35
CA GLY A 23 -6.92 -17.89 -1.95
C GLY A 23 -7.06 -19.25 -1.26
N GLY A 24 -7.67 -19.26 -0.08
CA GLY A 24 -7.84 -20.50 0.64
C GLY A 24 -9.24 -21.06 0.53
N ALA A 25 -9.94 -20.70 -0.55
CA ALA A 25 -11.31 -21.15 -0.78
C ALA A 25 -11.52 -22.66 -0.69
N MET A 26 -10.56 -23.45 -1.20
CA MET A 26 -10.67 -24.90 -1.18
C MET A 26 -10.20 -25.51 0.14
N ALA A 27 -10.14 -24.71 1.20
CA ALA A 27 -9.69 -25.19 2.50
C ALA A 27 -10.61 -26.23 3.11
N SER A 28 -10.02 -27.22 3.77
CA SER A 28 -10.79 -28.26 4.45
C SER A 28 -11.40 -27.60 5.67
N PRO A 29 -12.57 -28.09 6.13
CA PRO A 29 -13.21 -27.51 7.31
C PRO A 29 -12.30 -27.35 8.53
N GLN A 30 -11.29 -28.19 8.63
CA GLN A 30 -10.36 -28.11 9.76
C GLN A 30 -9.34 -26.99 9.57
N ASN A 31 -9.31 -26.41 8.38
CA ASN A 31 -8.39 -25.32 8.07
C ASN A 31 -9.07 -23.98 7.90
N VAL A 32 -10.23 -23.85 8.54
CA VAL A 32 -11.00 -22.61 8.52
C VAL A 32 -10.95 -22.12 9.96
N PHE A 33 -10.33 -20.97 10.18
CA PHE A 33 -10.19 -20.46 11.53
C PHE A 33 -10.86 -19.11 11.79
N VAL A 34 -11.06 -18.83 13.07
CA VAL A 34 -11.62 -17.56 13.51
C VAL A 34 -10.58 -17.09 14.53
N VAL A 35 -9.96 -15.95 14.27
CA VAL A 35 -8.93 -15.44 15.16
C VAL A 35 -9.29 -14.09 15.77
N THR A 36 -8.85 -13.87 17.01
CA THR A 36 -9.16 -12.64 17.72
C THR A 36 -7.92 -11.91 18.28
N ASN A 37 -6.74 -12.48 18.08
CA ASN A 37 -5.51 -11.85 18.55
C ASN A 37 -4.29 -12.33 17.77
N ARG A 38 -3.15 -11.70 18.01
CA ARG A 38 -1.91 -12.03 17.32
C ARG A 38 -1.55 -13.50 17.36
N THR A 39 -1.56 -14.09 18.56
CA THR A 39 -1.19 -15.49 18.69
C THR A 39 -2.08 -16.41 17.86
N GLU A 40 -3.40 -16.24 17.96
CA GLU A 40 -4.33 -17.07 17.21
C GLU A 40 -4.13 -16.89 15.71
N LEU A 41 -3.78 -15.68 15.30
CA LEU A 41 -3.55 -15.40 13.88
C LEU A 41 -2.34 -16.17 13.39
N ILE A 42 -1.24 -16.07 14.13
CA ILE A 42 -0.02 -16.78 13.75
C ILE A 42 -0.20 -18.29 13.80
N GLN A 43 -1.03 -18.75 14.74
CA GLN A 43 -1.29 -20.18 14.87
C GLN A 43 -2.11 -20.66 13.66
N ALA A 44 -3.14 -19.89 13.30
CA ALA A 44 -3.97 -20.24 12.16
C ALA A 44 -3.15 -20.28 10.88
N LEU A 45 -2.15 -19.41 10.79
CA LEU A 45 -1.29 -19.34 9.62
C LEU A 45 -0.20 -20.42 9.60
N GLY A 46 -0.08 -21.19 10.67
CA GLY A 46 0.95 -22.23 10.67
C GLY A 46 1.57 -22.57 12.01
N GLY A 47 1.59 -21.62 12.94
CA GLY A 47 2.16 -21.90 14.25
C GLY A 47 3.50 -21.24 14.51
N ASN A 48 4.13 -20.73 13.47
CA ASN A 48 5.44 -20.08 13.60
C ASN A 48 5.54 -19.00 12.54
N ASN A 49 5.52 -17.74 12.97
CA ASN A 49 5.56 -16.59 12.06
C ASN A 49 6.56 -16.70 10.90
N HIS A 50 7.82 -16.93 11.21
CA HIS A 50 8.82 -17.00 10.13
C HIS A 50 8.54 -18.11 9.11
N THR A 51 8.40 -19.35 9.57
CA THR A 51 8.16 -20.45 8.65
C THR A 51 6.74 -20.52 8.08
N ASN A 52 5.85 -19.68 8.59
CA ASN A 52 4.48 -19.66 8.08
C ASN A 52 4.44 -19.33 6.59
N GLN A 53 5.47 -18.63 6.10
CA GLN A 53 5.53 -18.26 4.70
C GLN A 53 5.61 -19.50 3.80
N TYR A 54 6.02 -20.62 4.37
CA TYR A 54 6.14 -21.87 3.60
C TYR A 54 4.91 -22.76 3.73
N ASN A 55 3.90 -22.30 4.47
CA ASN A 55 2.69 -23.09 4.65
C ASN A 55 1.69 -22.80 3.52
N SER A 56 1.68 -23.68 2.52
CA SER A 56 0.80 -23.51 1.37
C SER A 56 -0.50 -24.29 1.46
N VAL A 57 -0.82 -24.79 2.64
CA VAL A 57 -2.06 -25.54 2.81
C VAL A 57 -3.26 -24.59 2.69
N PRO A 58 -4.24 -24.94 1.84
CA PRO A 58 -5.41 -24.08 1.67
C PRO A 58 -6.01 -23.77 3.03
N LYS A 59 -6.17 -22.49 3.35
CA LYS A 59 -6.70 -22.10 4.64
C LYS A 59 -7.46 -20.79 4.60
N ILE A 60 -8.53 -20.72 5.39
CA ILE A 60 -9.34 -19.52 5.50
C ILE A 60 -9.24 -19.03 6.92
N ILE A 61 -8.93 -17.75 7.06
CA ILE A 61 -8.77 -17.15 8.37
C ILE A 61 -9.66 -15.94 8.52
N TYR A 62 -10.65 -16.04 9.41
CA TYR A 62 -11.59 -14.96 9.68
C TYR A 62 -11.09 -14.12 10.83
N VAL A 63 -10.95 -12.82 10.59
CA VAL A 63 -10.50 -11.90 11.62
C VAL A 63 -11.70 -11.27 12.31
N LYS A 64 -11.86 -11.58 13.60
CA LYS A 64 -12.99 -11.02 14.35
C LYS A 64 -12.52 -9.98 15.35
N GLY A 65 -13.09 -8.78 15.27
CA GLY A 65 -12.73 -7.72 16.18
C GLY A 65 -11.41 -7.05 15.81
N THR A 66 -10.79 -6.40 16.78
CA THR A 66 -9.52 -5.72 16.55
C THR A 66 -8.34 -6.58 16.97
N ILE A 67 -7.39 -6.75 16.06
CA ILE A 67 -6.19 -7.52 16.35
C ILE A 67 -5.01 -6.58 16.31
N ASP A 68 -4.42 -6.35 17.48
CA ASP A 68 -3.25 -5.49 17.63
C ASP A 68 -2.05 -6.42 17.53
N LEU A 69 -1.18 -6.17 16.55
CA LEU A 69 0.00 -7.00 16.35
C LEU A 69 1.19 -6.56 17.18
N ASN A 70 1.05 -5.39 17.81
CA ASN A 70 2.11 -4.83 18.65
C ASN A 70 1.89 -5.31 20.09
N VAL A 71 1.89 -6.63 20.29
CA VAL A 71 1.67 -7.22 21.60
C VAL A 71 2.65 -8.37 21.87
N ASP A 72 2.87 -8.69 23.14
CA ASP A 72 3.77 -9.78 23.47
C ASP A 72 3.09 -11.13 23.25
N ASP A 73 3.78 -12.20 23.62
CA ASP A 73 3.23 -13.54 23.43
C ASP A 73 2.02 -13.83 24.30
N ASN A 74 1.74 -12.96 25.26
CA ASN A 74 0.57 -13.11 26.12
C ASN A 74 -0.50 -12.15 25.60
N ASN A 75 -0.25 -11.65 24.39
CA ASN A 75 -1.16 -10.73 23.71
C ASN A 75 -1.37 -9.39 24.42
N GLN A 76 -0.40 -9.01 25.26
CA GLN A 76 -0.47 -7.74 25.96
C GLN A 76 0.29 -6.69 25.15
N PRO A 77 -0.27 -5.48 25.04
CA PRO A 77 0.39 -4.41 24.28
C PRO A 77 1.79 -4.08 24.78
N VAL A 78 2.71 -3.86 23.85
CA VAL A 78 4.08 -3.52 24.20
C VAL A 78 4.44 -2.17 23.59
N GLY A 79 5.39 -1.49 24.21
CA GLY A 79 5.84 -0.20 23.72
C GLY A 79 7.25 -0.28 23.20
N PRO A 80 7.84 0.84 22.78
CA PRO A 80 9.21 0.81 22.27
C PRO A 80 10.22 0.24 23.25
N ASP A 81 9.94 0.37 24.54
CA ASP A 81 10.83 -0.14 25.57
C ASP A 81 11.03 -1.66 25.44
N PHE A 82 9.98 -2.34 25.01
CA PHE A 82 10.00 -3.79 24.82
C PHE A 82 10.98 -4.17 23.71
N TYR A 83 11.02 -3.35 22.66
CA TYR A 83 11.89 -3.62 21.53
C TYR A 83 13.29 -3.03 21.60
N LYS A 84 13.44 -1.97 22.39
CA LYS A 84 14.70 -1.25 22.49
C LYS A 84 15.96 -2.05 22.84
N ASP A 85 16.98 -1.93 22.00
CA ASP A 85 18.26 -2.59 22.21
C ASP A 85 18.92 -1.91 23.41
N PRO A 86 19.68 -2.66 24.22
CA PRO A 86 20.35 -2.09 25.40
C PRO A 86 21.30 -0.94 25.05
N HIS A 87 21.81 -0.96 23.82
CA HIS A 87 22.75 0.06 23.37
C HIS A 87 22.08 1.20 22.60
N PHE A 88 20.76 1.22 22.60
CA PHE A 88 20.05 2.28 21.90
C PHE A 88 19.34 3.24 22.84
N ASP A 89 19.42 4.53 22.50
CA ASP A 89 18.76 5.58 23.25
C ASP A 89 18.39 6.66 22.23
N PHE A 90 17.09 6.95 22.14
CA PHE A 90 16.60 7.93 21.18
C PHE A 90 17.32 9.28 21.28
N GLU A 91 17.38 9.85 22.47
CA GLU A 91 18.04 11.14 22.66
C GLU A 91 19.49 11.09 22.18
N ALA A 92 20.18 10.02 22.52
CA ALA A 92 21.58 9.86 22.12
C ALA A 92 21.67 9.75 20.61
N TYR A 93 20.68 9.11 20.00
CA TYR A 93 20.66 8.95 18.55
C TYR A 93 20.46 10.32 17.91
N LEU A 94 19.58 11.12 18.51
CA LEU A 94 19.30 12.46 18.00
C LEU A 94 20.55 13.34 18.09
N ARG A 95 21.24 13.27 19.22
CA ARG A 95 22.45 14.07 19.43
C ARG A 95 23.58 13.64 18.49
N GLU A 96 23.69 12.34 18.28
CA GLU A 96 24.75 11.79 17.43
C GLU A 96 24.60 12.04 15.93
N TYR A 97 23.39 11.90 15.41
CA TYR A 97 23.18 12.04 13.98
C TYR A 97 22.50 13.28 13.43
N ASP A 98 22.23 14.26 14.29
CA ASP A 98 21.59 15.50 13.84
C ASP A 98 22.40 16.03 12.65
N PRO A 99 21.71 16.43 11.57
CA PRO A 99 22.40 16.95 10.37
C PRO A 99 23.31 18.10 10.72
N ALA A 100 22.94 18.84 11.77
CA ALA A 100 23.71 19.99 12.22
C ALA A 100 25.07 19.63 12.78
N THR A 101 25.30 18.35 13.08
CA THR A 101 26.60 17.96 13.62
C THR A 101 27.17 16.73 12.93
N TRP A 102 26.31 15.89 12.39
CA TRP A 102 26.76 14.70 11.69
C TRP A 102 26.88 14.98 10.19
N GLY A 103 26.15 16.00 9.72
CA GLY A 103 26.20 16.33 8.31
C GLY A 103 25.54 15.28 7.44
N LYS A 104 26.05 15.11 6.22
CA LYS A 104 25.48 14.14 5.29
C LYS A 104 26.32 12.88 5.17
N LYS A 105 27.17 12.62 6.15
CA LYS A 105 27.99 11.42 6.13
C LYS A 105 27.07 10.22 6.33
N GLU A 106 27.51 9.06 5.85
CA GLU A 106 26.74 7.84 5.98
C GLU A 106 26.51 7.58 7.47
N VAL A 107 25.26 7.30 7.83
CA VAL A 107 24.92 7.03 9.23
C VAL A 107 25.52 5.69 9.63
N GLU A 108 26.39 5.70 10.63
CA GLU A 108 27.04 4.48 11.11
C GLU A 108 27.45 4.61 12.57
N GLY A 109 27.86 3.49 13.15
CA GLY A 109 28.28 3.51 14.54
C GLY A 109 27.41 2.67 15.45
N PRO A 110 27.83 2.46 16.70
CA PRO A 110 27.07 1.66 17.67
C PRO A 110 25.59 2.04 17.85
N LEU A 111 25.29 3.33 17.86
CA LEU A 111 23.90 3.77 18.02
C LEU A 111 23.02 3.35 16.84
N GLU A 112 23.56 3.43 15.63
CA GLU A 112 22.82 3.04 14.43
C GLU A 112 22.66 1.52 14.44
N GLU A 113 23.73 0.82 14.79
CA GLU A 113 23.70 -0.63 14.87
C GLU A 113 22.65 -1.06 15.90
N ALA A 114 22.57 -0.30 16.99
CA ALA A 114 21.61 -0.58 18.05
C ALA A 114 20.19 -0.30 17.55
N ARG A 115 20.04 0.72 16.71
CA ARG A 115 18.73 1.05 16.16
C ARG A 115 18.27 -0.10 15.25
N VAL A 116 19.21 -0.61 14.45
CA VAL A 116 18.92 -1.69 13.53
C VAL A 116 18.42 -2.93 14.28
N ARG A 117 19.05 -3.26 15.40
CA ARG A 117 18.61 -4.43 16.16
C ARG A 117 17.24 -4.19 16.77
N SER A 118 17.00 -2.98 17.26
CA SER A 118 15.70 -2.65 17.85
C SER A 118 14.62 -2.79 16.79
N GLN A 119 14.93 -2.28 15.59
CA GLN A 119 14.01 -2.34 14.46
C GLN A 119 13.72 -3.79 14.07
N LYS A 120 14.77 -4.60 14.02
CA LYS A 120 14.60 -6.00 13.66
C LYS A 120 13.70 -6.73 14.64
N LYS A 121 13.81 -6.40 15.92
CA LYS A 121 12.97 -7.06 16.93
C LYS A 121 11.50 -6.71 16.70
N GLN A 122 11.21 -5.46 16.35
CA GLN A 122 9.82 -5.10 16.11
C GLN A 122 9.34 -5.73 14.81
N LYS A 123 10.19 -5.70 13.79
CA LYS A 123 9.86 -6.28 12.49
C LYS A 123 9.49 -7.76 12.62
N ASP A 124 10.36 -8.52 13.28
CA ASP A 124 10.13 -9.94 13.46
C ASP A 124 8.83 -10.25 14.21
N ARG A 125 8.31 -9.28 14.97
CA ARG A 125 7.09 -9.52 15.72
C ARG A 125 5.79 -9.00 15.09
N ILE A 126 5.84 -7.82 14.48
CA ILE A 126 4.64 -7.22 13.90
C ILE A 126 4.33 -7.50 12.43
N MET A 127 5.31 -7.95 11.66
CA MET A 127 5.05 -8.25 10.25
C MET A 127 4.74 -9.73 10.16
N VAL A 128 3.47 -10.04 9.91
CA VAL A 128 2.98 -11.41 9.84
C VAL A 128 3.09 -12.01 8.45
N TYR A 129 3.81 -13.13 8.34
CA TYR A 129 3.97 -13.81 7.06
C TYR A 129 2.69 -14.55 6.68
N VAL A 130 2.36 -14.52 5.38
CA VAL A 130 1.17 -15.20 4.88
C VAL A 130 1.61 -16.23 3.85
N GLY A 131 1.20 -17.49 4.04
CA GLY A 131 1.58 -18.53 3.10
C GLY A 131 0.67 -18.57 1.88
N SER A 132 1.02 -19.40 0.91
CA SER A 132 0.23 -19.53 -0.31
C SER A 132 -1.14 -20.15 -0.04
N ASN A 133 -2.08 -19.90 -0.93
CA ASN A 133 -3.44 -20.43 -0.82
C ASN A 133 -4.08 -20.03 0.50
N THR A 134 -4.08 -18.73 0.78
CA THR A 134 -4.64 -18.22 2.01
C THR A 134 -5.67 -17.13 1.76
N SER A 135 -6.74 -17.15 2.53
CA SER A 135 -7.77 -16.13 2.45
C SER A 135 -7.90 -15.59 3.87
N ILE A 136 -7.60 -14.30 4.04
CA ILE A 136 -7.73 -13.66 5.34
C ILE A 136 -8.90 -12.72 5.15
N ILE A 137 -10.00 -13.01 5.85
CA ILE A 137 -11.24 -12.27 5.71
C ILE A 137 -11.76 -11.70 7.03
N GLY A 138 -12.04 -10.41 7.03
CA GLY A 138 -12.56 -9.78 8.23
C GLY A 138 -14.02 -10.12 8.45
N VAL A 139 -14.42 -10.22 9.72
CA VAL A 139 -15.79 -10.54 10.06
C VAL A 139 -16.61 -9.27 10.28
N GLY A 140 -17.79 -9.21 9.67
CA GLY A 140 -18.67 -8.06 9.86
C GLY A 140 -18.16 -6.69 9.45
N LYS A 141 -18.51 -5.69 10.24
CA LYS A 141 -18.12 -4.32 9.96
C LYS A 141 -17.00 -3.76 10.83
N ASP A 142 -16.48 -4.56 11.76
CA ASP A 142 -15.42 -4.05 12.63
C ASP A 142 -14.15 -4.89 12.72
N ALA A 143 -13.82 -5.62 11.65
CA ALA A 143 -12.58 -6.40 11.65
C ALA A 143 -11.47 -5.38 11.48
N LYS A 144 -10.47 -5.43 12.36
CA LYS A 144 -9.36 -4.48 12.29
C LYS A 144 -8.00 -5.09 12.61
N ILE A 145 -6.99 -4.57 11.94
CA ILE A 145 -5.60 -4.99 12.15
C ILE A 145 -4.84 -3.70 12.45
N LYS A 146 -4.10 -3.68 13.54
CA LYS A 146 -3.33 -2.48 13.90
C LYS A 146 -1.95 -2.86 14.42
N GLY A 147 -1.04 -1.89 14.41
CA GLY A 147 0.30 -2.11 14.93
C GLY A 147 1.22 -3.02 14.14
N GLY A 148 0.73 -3.56 13.03
CA GLY A 148 1.55 -4.45 12.22
C GLY A 148 1.00 -4.54 10.81
N GLY A 149 1.50 -5.50 10.04
CA GLY A 149 1.04 -5.65 8.69
C GLY A 149 1.26 -7.06 8.18
N PHE A 150 0.72 -7.37 7.00
CA PHE A 150 0.89 -8.69 6.43
C PHE A 150 2.02 -8.68 5.41
N LEU A 151 2.88 -9.69 5.50
CA LEU A 151 4.00 -9.83 4.59
C LEU A 151 3.67 -10.98 3.66
N ILE A 152 3.33 -10.65 2.42
CA ILE A 152 3.01 -11.66 1.42
C ILE A 152 4.28 -11.79 0.59
N LYS A 153 5.19 -12.63 1.08
CA LYS A 153 6.49 -12.82 0.44
C LYS A 153 6.76 -14.20 -0.16
N ASN A 154 7.11 -14.20 -1.43
CA ASN A 154 7.42 -15.42 -2.17
C ASN A 154 6.32 -16.47 -2.11
N VAL A 155 5.07 -16.02 -2.13
CA VAL A 155 3.95 -16.95 -2.11
C VAL A 155 3.02 -16.66 -3.28
N ASP A 156 1.98 -17.47 -3.42
CA ASP A 156 1.03 -17.30 -4.51
C ASP A 156 -0.38 -17.58 -4.04
N ASN A 157 -1.35 -16.97 -4.71
CA ASN A 157 -2.75 -17.20 -4.43
C ASN A 157 -3.20 -16.80 -3.04
N VAL A 158 -3.34 -15.50 -2.81
CA VAL A 158 -3.74 -14.97 -1.52
C VAL A 158 -4.85 -13.93 -1.66
N ILE A 159 -5.83 -14.03 -0.78
CA ILE A 159 -6.96 -13.10 -0.79
C ILE A 159 -7.08 -12.42 0.58
N ILE A 160 -7.16 -11.09 0.56
CA ILE A 160 -7.31 -10.32 1.80
C ILE A 160 -8.51 -9.41 1.61
N ARG A 161 -9.53 -9.56 2.46
CA ARG A 161 -10.73 -8.75 2.31
C ARG A 161 -11.42 -8.36 3.61
N ASN A 162 -12.19 -7.29 3.53
CA ASN A 162 -13.01 -6.79 4.63
C ASN A 162 -12.33 -6.44 5.95
N ILE A 163 -11.13 -5.89 5.87
CA ILE A 163 -10.41 -5.52 7.08
C ILE A 163 -9.98 -4.05 7.06
N GLU A 164 -10.04 -3.40 8.21
CA GLU A 164 -9.60 -2.02 8.33
C GLU A 164 -8.20 -2.07 8.91
N PHE A 165 -7.22 -1.68 8.11
CA PHE A 165 -5.83 -1.67 8.52
C PHE A 165 -5.38 -0.31 9.02
N GLU A 166 -4.95 -0.23 10.27
CA GLU A 166 -4.42 1.02 10.78
C GLU A 166 -2.92 0.87 10.51
N ALA A 167 -2.37 1.73 9.67
CA ALA A 167 -0.96 1.65 9.30
C ALA A 167 -0.06 1.42 10.51
N PRO A 168 0.89 0.49 10.39
CA PRO A 168 1.83 0.19 11.46
C PRO A 168 2.82 1.32 11.70
N LEU A 169 3.21 1.50 12.95
CA LEU A 169 4.16 2.53 13.33
C LEU A 169 5.53 1.90 13.53
N ASP A 170 6.55 2.46 12.89
CA ASP A 170 7.91 1.97 13.01
C ASP A 170 8.51 2.77 14.17
N TYR A 171 8.78 2.11 15.30
CA TYR A 171 9.33 2.80 16.47
C TYR A 171 10.78 3.23 16.33
N PHE A 172 11.46 2.69 15.32
CA PHE A 172 12.87 3.01 15.12
C PHE A 172 13.18 3.36 13.67
N PRO A 173 12.58 4.46 13.17
CA PRO A 173 12.79 4.91 11.79
C PRO A 173 14.26 5.20 11.56
N GLU A 174 14.70 4.96 10.33
CA GLU A 174 16.07 5.21 9.94
C GLU A 174 16.21 6.66 9.46
N TRP A 175 17.27 7.34 9.90
CA TRP A 175 17.50 8.70 9.46
C TRP A 175 18.45 8.64 8.28
N ASP A 176 18.09 9.29 7.17
CA ASP A 176 18.93 9.31 5.98
C ASP A 176 19.18 10.77 5.63
N PRO A 177 20.37 11.30 5.97
CA PRO A 177 20.69 12.70 5.68
C PRO A 177 20.78 13.04 4.19
N THR A 178 20.86 12.03 3.34
CA THR A 178 20.97 12.29 1.90
C THR A 178 19.67 12.04 1.13
N ASP A 179 18.61 11.66 1.83
CA ASP A 179 17.32 11.44 1.18
C ASP A 179 16.77 12.84 0.89
N GLY A 180 16.95 13.30 -0.34
CA GLY A 180 16.48 14.63 -0.68
C GLY A 180 17.53 15.64 -0.26
N THR A 181 17.17 16.92 -0.29
CA THR A 181 18.11 17.97 0.07
C THR A 181 18.21 18.17 1.58
N LEU A 182 17.10 17.98 2.27
CA LEU A 182 17.05 18.17 3.72
C LEU A 182 17.14 16.85 4.49
N GLY A 183 17.16 15.73 3.78
CA GLY A 183 17.23 14.44 4.44
C GLY A 183 15.83 14.02 4.86
N GLU A 184 15.67 12.76 5.21
CA GLU A 184 14.35 12.27 5.62
C GLU A 184 14.43 11.05 6.52
N TRP A 185 13.39 10.89 7.34
CA TRP A 185 13.29 9.71 8.20
C TRP A 185 12.52 8.73 7.32
N ASN A 186 12.85 7.46 7.42
CA ASN A 186 12.14 6.46 6.62
C ASN A 186 11.86 5.22 7.44
N SER A 187 10.65 4.72 7.31
CA SER A 187 10.21 3.53 8.04
C SER A 187 10.09 2.32 7.13
N GLU A 188 9.97 1.16 7.76
CA GLU A 188 9.92 -0.12 7.05
C GLU A 188 8.58 -0.83 6.91
N TYR A 189 7.65 -0.56 7.81
CA TYR A 189 6.39 -1.30 7.81
C TYR A 189 5.21 -0.78 7.01
N ASP A 190 4.60 -1.70 6.26
CA ASP A 190 3.40 -1.42 5.45
C ASP A 190 2.28 -2.27 6.01
N SER A 191 1.04 -1.88 5.77
CA SER A 191 -0.08 -2.69 6.25
C SER A 191 -0.08 -4.00 5.47
N ILE A 192 0.26 -3.91 4.19
CA ILE A 192 0.36 -5.08 3.33
C ILE A 192 1.55 -4.88 2.39
N SER A 193 2.48 -5.83 2.45
CA SER A 193 3.66 -5.77 1.62
C SER A 193 3.71 -7.03 0.76
N ILE A 194 3.65 -6.84 -0.55
CA ILE A 194 3.66 -7.95 -1.50
C ILE A 194 5.04 -7.99 -2.16
N GLU A 195 5.79 -9.05 -1.90
CA GLU A 195 7.14 -9.19 -2.45
C GLU A 195 7.34 -10.55 -3.09
N GLY A 196 7.76 -10.56 -4.36
CA GLY A 196 7.98 -11.81 -5.07
C GLY A 196 6.79 -12.74 -5.04
N SER A 197 5.59 -12.18 -5.02
CA SER A 197 4.39 -13.00 -4.97
C SER A 197 3.45 -12.72 -6.14
N SER A 198 2.63 -13.70 -6.48
CA SER A 198 1.69 -13.53 -7.58
C SER A 198 0.29 -14.01 -7.23
N HIS A 199 -0.69 -13.58 -8.04
CA HIS A 199 -2.09 -13.91 -7.84
C HIS A 199 -2.57 -13.53 -6.45
N ILE A 200 -2.61 -12.22 -6.21
CA ILE A 200 -3.03 -11.67 -4.94
C ILE A 200 -4.21 -10.75 -5.16
N TRP A 201 -5.27 -10.91 -4.37
CA TRP A 201 -6.45 -10.08 -4.48
C TRP A 201 -6.66 -9.35 -3.16
N ILE A 202 -6.56 -8.03 -3.21
CA ILE A 202 -6.76 -7.16 -2.03
C ILE A 202 -8.07 -6.44 -2.32
N ASP A 203 -9.12 -6.80 -1.60
CA ASP A 203 -10.44 -6.24 -1.89
C ASP A 203 -11.27 -5.83 -0.67
N HIS A 204 -11.98 -4.71 -0.80
CA HIS A 204 -12.83 -4.18 0.27
C HIS A 204 -12.17 -4.06 1.63
N ASN A 205 -10.99 -3.45 1.65
CA ASN A 205 -10.29 -3.22 2.90
C ASN A 205 -10.21 -1.71 3.04
N THR A 206 -9.89 -1.24 4.24
CA THR A 206 -9.75 0.18 4.47
C THR A 206 -8.37 0.39 5.06
N PHE A 207 -7.64 1.36 4.52
CA PHE A 207 -6.28 1.65 4.99
C PHE A 207 -6.26 3.08 5.50
N THR A 208 -5.80 3.27 6.73
CA THR A 208 -5.75 4.60 7.32
C THR A 208 -4.68 4.66 8.41
N ASP A 209 -4.12 5.84 8.65
CA ASP A 209 -3.14 5.97 9.72
C ASP A 209 -3.93 6.04 11.03
N GLY A 210 -5.25 6.13 10.90
CA GLY A 210 -6.14 6.17 12.05
C GLY A 210 -5.82 7.10 13.20
N ASP A 211 -5.70 6.54 14.40
CA ASP A 211 -5.41 7.32 15.60
C ASP A 211 -3.99 7.86 15.68
N HIS A 212 -3.17 7.57 14.67
CA HIS A 212 -1.80 8.05 14.68
C HIS A 212 -1.37 8.74 13.40
N PRO A 213 -2.04 9.86 13.05
CA PRO A 213 -1.70 10.59 11.84
C PRO A 213 -0.28 11.15 11.94
N ASP A 214 0.40 11.29 10.82
CA ASP A 214 1.77 11.79 10.82
C ASP A 214 1.91 13.11 11.58
N ARG A 215 0.85 13.90 11.54
CA ARG A 215 0.81 15.21 12.20
C ARG A 215 1.03 15.10 13.71
N SER A 216 0.70 13.95 14.27
CA SER A 216 0.85 13.73 15.70
C SER A 216 2.18 13.06 16.06
N LEU A 217 2.96 12.71 15.05
CA LEU A 217 4.24 12.04 15.27
C LEU A 217 5.40 12.97 15.63
N GLY A 218 5.21 14.26 15.37
CA GLY A 218 6.25 15.23 15.70
C GLY A 218 7.28 15.46 14.61
N THR A 219 8.33 16.18 14.99
CA THR A 219 9.41 16.52 14.07
C THR A 219 10.76 16.41 14.76
N TYR A 220 11.74 15.91 14.04
CA TYR A 220 13.10 15.76 14.54
C TYR A 220 14.06 16.09 13.41
N PHE A 221 15.14 16.78 13.73
CA PHE A 221 16.12 17.17 12.72
C PHE A 221 15.45 18.09 11.72
N GLY A 222 14.37 18.74 12.14
CA GLY A 222 13.66 19.64 11.27
C GLY A 222 12.90 18.94 10.15
N ARG A 223 12.69 17.63 10.31
CA ARG A 223 11.97 16.84 9.31
C ARG A 223 10.83 16.07 9.99
N PRO A 224 9.72 15.85 9.26
CA PRO A 224 8.61 15.11 9.87
C PRO A 224 9.08 13.70 10.27
N PHE A 225 8.71 13.28 11.47
CA PHE A 225 9.11 11.96 11.97
C PHE A 225 8.21 10.91 11.33
N GLN A 226 8.58 10.51 10.11
CA GLN A 226 7.83 9.53 9.35
C GLN A 226 7.96 8.10 9.84
N GLN A 227 7.04 7.70 10.71
CA GLN A 227 7.03 6.37 11.29
C GLN A 227 6.18 5.39 10.48
N HIS A 228 5.53 5.90 9.43
CA HIS A 228 4.71 5.06 8.56
C HIS A 228 5.46 4.85 7.27
N ASP A 229 5.06 3.83 6.52
CA ASP A 229 5.65 3.63 5.21
C ASP A 229 4.48 3.42 4.26
N GLY A 230 4.45 2.32 3.52
CA GLY A 230 3.37 2.12 2.59
C GLY A 230 2.09 1.52 3.16
N ALA A 231 0.98 1.75 2.46
CA ALA A 231 -0.29 1.18 2.89
C ALA A 231 -0.30 -0.20 2.24
N LEU A 232 -0.01 -0.22 0.95
CA LEU A 232 0.00 -1.45 0.17
C LEU A 232 1.10 -1.33 -0.88
N ASP A 233 2.25 -1.94 -0.62
CA ASP A 233 3.35 -1.89 -1.57
C ASP A 233 3.55 -3.20 -2.30
N ILE A 234 3.99 -3.09 -3.55
CA ILE A 234 4.20 -4.24 -4.42
C ILE A 234 5.59 -4.13 -5.04
N LYS A 235 6.41 -5.15 -4.84
CA LYS A 235 7.77 -5.09 -5.38
C LYS A 235 8.42 -6.45 -5.62
N ASN A 236 9.66 -6.40 -6.08
CA ASN A 236 10.46 -7.58 -6.35
C ASN A 236 9.79 -8.67 -7.16
N SER A 237 9.49 -8.35 -8.41
CA SER A 237 8.88 -9.28 -9.36
C SER A 237 7.52 -9.83 -8.99
N SER A 238 6.78 -9.16 -8.13
CA SER A 238 5.43 -9.63 -7.80
C SER A 238 4.68 -9.52 -9.11
N ASP A 239 3.58 -10.25 -9.26
CA ASP A 239 2.87 -10.22 -10.54
C ASP A 239 1.43 -10.68 -10.37
N PHE A 240 0.57 -10.26 -11.30
CA PHE A 240 -0.84 -10.65 -11.30
C PHE A 240 -1.54 -10.33 -9.98
N ILE A 241 -1.78 -9.03 -9.79
CA ILE A 241 -2.40 -8.54 -8.58
C ILE A 241 -3.62 -7.67 -8.91
N THR A 242 -4.69 -7.82 -8.12
CA THR A 242 -5.89 -7.01 -8.29
C THR A 242 -6.19 -6.31 -6.97
N ILE A 243 -6.26 -4.98 -7.03
CA ILE A 243 -6.54 -4.14 -5.88
C ILE A 243 -7.87 -3.46 -6.18
N SER A 244 -8.93 -3.90 -5.51
CA SER A 244 -10.25 -3.36 -5.79
C SER A 244 -11.13 -3.00 -4.61
N TYR A 245 -11.95 -1.97 -4.81
CA TYR A 245 -12.89 -1.52 -3.78
C TYR A 245 -12.31 -1.31 -2.39
N ASN A 246 -11.10 -0.74 -2.33
CA ASN A 246 -10.46 -0.46 -1.06
C ASN A 246 -10.51 1.04 -0.79
N VAL A 247 -10.39 1.41 0.47
CA VAL A 247 -10.36 2.81 0.83
C VAL A 247 -8.94 3.06 1.33
N PHE A 248 -8.32 4.12 0.82
CA PHE A 248 -6.98 4.51 1.25
C PHE A 248 -7.15 5.96 1.69
N THR A 249 -6.99 6.21 2.98
CA THR A 249 -7.18 7.55 3.48
C THR A 249 -6.21 7.89 4.60
N ASN A 250 -6.03 9.19 4.84
CA ASN A 250 -5.15 9.70 5.89
C ASN A 250 -3.84 8.94 5.96
N HIS A 251 -3.05 9.06 4.91
CA HIS A 251 -1.77 8.39 4.81
C HIS A 251 -0.92 9.11 3.78
N ASP A 252 0.39 9.03 3.94
CA ASP A 252 1.31 9.69 3.03
C ASP A 252 1.58 8.89 1.75
N LYS A 253 2.48 7.91 1.84
CA LYS A 253 2.87 7.07 0.70
C LYS A 253 1.98 5.83 0.62
N VAL A 254 1.01 5.86 -0.27
CA VAL A 254 0.05 4.77 -0.39
C VAL A 254 0.51 3.48 -1.05
N THR A 255 0.70 3.50 -2.37
CA THR A 255 1.07 2.29 -3.09
C THR A 255 2.23 2.39 -4.07
N LEU A 256 3.31 1.69 -3.74
CA LEU A 256 4.49 1.64 -4.57
C LEU A 256 4.41 0.35 -5.39
N ILE A 257 4.68 0.43 -6.69
CA ILE A 257 4.68 -0.74 -7.56
C ILE A 257 6.04 -0.70 -8.25
N GLY A 258 6.97 -1.50 -7.74
CA GLY A 258 8.32 -1.52 -8.28
C GLY A 258 9.11 -0.58 -7.39
N ALA A 259 10.10 -1.11 -6.69
CA ALA A 259 10.89 -0.29 -5.77
C ALA A 259 12.24 0.22 -6.28
N SER A 260 12.63 -0.14 -7.49
CA SER A 260 13.93 0.31 -8.00
C SER A 260 14.04 0.52 -9.50
N ASP A 261 14.67 1.63 -9.89
CA ASP A 261 14.86 1.96 -11.29
C ASP A 261 15.82 0.97 -11.96
N SER A 262 16.67 0.36 -11.16
CA SER A 262 17.67 -0.57 -11.69
C SER A 262 17.37 -2.06 -11.61
N ARG A 263 16.28 -2.42 -10.96
CA ARG A 263 15.94 -3.84 -10.85
C ARG A 263 15.28 -4.33 -12.13
N MET A 264 16.10 -4.65 -13.12
CA MET A 264 15.59 -5.13 -14.40
C MET A 264 14.81 -6.42 -14.22
N ALA A 265 14.96 -7.05 -13.07
CA ALA A 265 14.26 -8.29 -12.78
C ALA A 265 12.74 -8.05 -12.72
N ASP A 266 12.36 -6.79 -12.55
CA ASP A 266 10.94 -6.43 -12.50
C ASP A 266 10.32 -6.32 -13.88
N SER A 267 11.17 -6.16 -14.89
CA SER A 267 10.69 -6.03 -16.27
C SER A 267 9.85 -7.24 -16.65
N GLY A 268 8.68 -7.01 -17.23
CA GLY A 268 7.81 -8.09 -17.62
C GLY A 268 6.90 -8.55 -16.48
N HIS A 269 7.01 -7.90 -15.33
CA HIS A 269 6.19 -8.26 -14.19
C HIS A 269 5.44 -7.04 -13.66
N LEU A 270 5.08 -7.07 -12.38
CA LEU A 270 4.37 -5.98 -11.75
C LEU A 270 3.08 -5.62 -12.49
N ARG A 271 2.41 -6.64 -13.00
CA ARG A 271 1.15 -6.45 -13.70
C ARG A 271 0.07 -6.37 -12.63
N VAL A 272 -0.45 -5.15 -12.42
CA VAL A 272 -1.44 -4.91 -11.39
C VAL A 272 -2.65 -4.14 -11.93
N THR A 273 -3.81 -4.42 -11.37
CA THR A 273 -5.04 -3.74 -11.73
C THR A 273 -5.58 -3.12 -10.46
N LEU A 274 -5.91 -1.83 -10.53
CA LEU A 274 -6.46 -1.12 -9.39
C LEU A 274 -7.75 -0.47 -9.86
N HIS A 275 -8.87 -0.87 -9.28
CA HIS A 275 -10.13 -0.29 -9.69
C HIS A 275 -11.12 -0.11 -8.54
N HIS A 276 -11.95 0.92 -8.69
CA HIS A 276 -12.96 1.26 -7.69
C HIS A 276 -12.43 1.50 -6.30
N ASN A 277 -11.22 2.01 -6.21
CA ASN A 277 -10.64 2.32 -4.91
C ASN A 277 -10.97 3.76 -4.59
N TYR A 278 -11.09 4.04 -3.30
CA TYR A 278 -11.41 5.37 -2.83
C TYR A 278 -10.16 5.96 -2.16
N TYR A 279 -9.51 6.92 -2.83
CA TYR A 279 -8.34 7.57 -2.28
C TYR A 279 -8.83 8.90 -1.72
N LYS A 280 -8.73 9.06 -0.40
CA LYS A 280 -9.21 10.27 0.24
C LYS A 280 -8.18 10.89 1.19
N ASN A 281 -7.78 12.10 0.87
CA ASN A 281 -6.82 12.83 1.68
C ASN A 281 -5.54 12.03 1.94
N VAL A 282 -4.90 11.61 0.86
CA VAL A 282 -3.63 10.90 0.94
C VAL A 282 -2.64 11.79 0.20
N THR A 283 -1.35 11.51 0.32
CA THR A 283 -0.35 12.38 -0.27
C THR A 283 0.27 12.03 -1.63
N GLN A 284 0.76 10.80 -1.76
CA GLN A 284 1.43 10.41 -3.00
C GLN A 284 1.39 8.90 -3.26
N ARG A 285 1.83 8.51 -4.46
CA ARG A 285 1.89 7.12 -4.89
C ARG A 285 0.50 6.49 -4.97
N LEU A 286 -0.30 6.94 -5.92
CA LEU A 286 -1.67 6.44 -6.07
C LEU A 286 -2.00 5.80 -7.41
N PRO A 287 -1.14 4.90 -7.92
CA PRO A 287 0.13 4.42 -7.36
C PRO A 287 1.32 5.03 -8.10
N ARG A 288 2.53 4.67 -7.66
CA ARG A 288 3.77 5.10 -8.31
C ARG A 288 4.22 3.81 -8.99
N VAL A 289 4.37 3.85 -10.32
CA VAL A 289 4.72 2.64 -11.07
C VAL A 289 6.02 2.60 -11.83
N ARG A 290 6.64 1.41 -11.82
CA ARG A 290 7.86 1.14 -12.57
C ARG A 290 7.63 -0.21 -13.27
N PHE A 291 7.86 -0.47 -14.59
CA PHE A 291 7.94 -1.68 -15.43
C PHE A 291 6.71 -2.44 -15.87
N GLY A 292 5.63 -2.15 -14.77
CA GLY A 292 4.41 -2.87 -15.06
C GLY A 292 3.30 -2.30 -15.90
N GLN A 293 2.57 -3.23 -16.51
CA GLN A 293 1.39 -2.91 -17.29
C GLN A 293 0.37 -2.85 -16.17
N VAL A 294 0.10 -1.63 -15.72
CA VAL A 294 -0.83 -1.40 -14.63
C VAL A 294 -2.10 -0.74 -15.14
N HIS A 295 -3.23 -1.41 -14.89
CA HIS A 295 -4.54 -0.94 -15.31
C HIS A 295 -5.18 -0.20 -14.14
N ILE A 296 -5.45 1.09 -14.35
CA ILE A 296 -6.04 1.94 -13.34
C ILE A 296 -7.38 2.46 -13.83
N TYR A 297 -8.47 1.98 -13.27
CA TYR A 297 -9.77 2.45 -13.73
C TYR A 297 -10.86 2.56 -12.67
N ASN A 298 -11.80 3.48 -12.91
CA ASN A 298 -12.91 3.70 -12.02
C ASN A 298 -12.52 3.99 -10.57
N ASN A 299 -11.40 4.67 -10.37
CA ASN A 299 -10.99 5.01 -9.01
C ASN A 299 -11.45 6.42 -8.73
N TYR A 300 -11.74 6.71 -7.46
CA TYR A 300 -12.19 8.03 -7.05
C TYR A 300 -11.13 8.61 -6.11
N TYR A 301 -10.61 9.78 -6.48
CA TYR A 301 -9.57 10.46 -5.70
C TYR A 301 -10.20 11.76 -5.18
N GLU A 302 -10.18 11.94 -3.87
CA GLU A 302 -10.81 13.09 -3.25
C GLU A 302 -9.86 13.77 -2.27
N PHE A 303 -9.60 15.06 -2.47
CA PHE A 303 -8.68 15.78 -1.61
C PHE A 303 -9.20 17.13 -1.12
N SER A 304 -8.90 17.41 0.14
CA SER A 304 -9.28 18.67 0.77
C SER A 304 -8.01 19.34 1.27
N ASN A 305 -7.86 20.63 0.99
CA ASN A 305 -6.67 21.35 1.44
C ASN A 305 -6.68 21.54 2.95
N LEU A 306 -7.72 21.04 3.61
CA LEU A 306 -7.83 21.13 5.05
C LEU A 306 -7.36 19.84 5.70
N ALA A 307 -7.07 18.83 4.87
CA ALA A 307 -6.61 17.55 5.37
C ALA A 307 -5.22 17.64 6.02
N ASP A 308 -5.00 16.80 7.02
CA ASP A 308 -3.73 16.75 7.72
C ASP A 308 -2.63 16.35 6.75
N TYR A 309 -2.99 15.57 5.75
CA TYR A 309 -2.05 15.09 4.73
C TYR A 309 -2.13 15.95 3.49
N ASP A 310 -1.01 16.59 3.15
CA ASP A 310 -0.98 17.43 1.95
C ASP A 310 -1.04 16.50 0.74
N PHE A 311 -1.29 17.08 -0.42
CA PHE A 311 -1.35 16.29 -1.64
C PHE A 311 -0.16 16.67 -2.49
N GLN A 312 0.55 15.66 -3.00
CA GLN A 312 1.72 15.91 -3.83
C GLN A 312 1.43 15.51 -5.28
N TYR A 313 1.02 14.25 -5.46
CA TYR A 313 0.70 13.75 -6.80
C TYR A 313 -0.07 12.45 -6.66
N ALA A 314 -0.73 12.03 -7.74
CA ALA A 314 -1.50 10.79 -7.70
C ALA A 314 -0.80 9.68 -8.48
N TRP A 315 -0.67 9.87 -9.79
CA TRP A 315 -0.04 8.87 -10.65
C TRP A 315 1.44 9.11 -10.90
N GLY A 316 2.26 8.20 -10.38
CA GLY A 316 3.70 8.31 -10.56
C GLY A 316 4.14 7.46 -11.74
N VAL A 317 4.58 8.13 -12.79
CA VAL A 317 5.04 7.44 -13.99
C VAL A 317 6.54 7.20 -13.84
N GLY A 318 6.89 5.97 -13.49
CA GLY A 318 8.29 5.61 -13.31
C GLY A 318 8.89 4.94 -14.51
N VAL A 319 10.16 4.56 -14.40
CA VAL A 319 10.87 3.92 -15.50
C VAL A 319 10.17 2.70 -16.08
N PHE A 320 10.07 2.70 -17.40
CA PHE A 320 9.46 1.62 -18.16
C PHE A 320 8.04 1.25 -17.76
N SER A 321 7.34 2.16 -17.10
CA SER A 321 5.97 1.88 -16.68
C SER A 321 5.03 1.88 -17.88
N GLN A 322 3.95 1.11 -17.78
CA GLN A 322 2.98 1.04 -18.85
C GLN A 322 1.58 1.20 -18.24
N ILE A 323 1.34 2.39 -17.69
CA ILE A 323 0.06 2.68 -17.08
C ILE A 323 -1.03 2.87 -18.13
N TYR A 324 -2.19 2.28 -17.88
CA TYR A 324 -3.35 2.41 -18.76
C TYR A 324 -4.47 2.83 -17.82
N ALA A 325 -4.78 4.12 -17.82
CA ALA A 325 -5.80 4.68 -16.94
C ALA A 325 -7.12 4.98 -17.66
N GLN A 326 -8.22 4.52 -17.07
CA GLN A 326 -9.53 4.72 -17.65
C GLN A 326 -10.61 5.17 -16.68
N ASN A 327 -11.37 6.19 -17.06
CA ASN A 327 -12.49 6.67 -16.28
C ASN A 327 -12.29 6.83 -14.77
N ASN A 328 -11.26 7.58 -14.38
CA ASN A 328 -10.99 7.85 -12.99
C ASN A 328 -11.53 9.25 -12.72
N TYR A 329 -12.01 9.47 -11.51
CA TYR A 329 -12.61 10.75 -11.14
C TYR A 329 -11.84 11.42 -10.01
N PHE A 330 -11.42 12.67 -10.24
CA PHE A 330 -10.67 13.42 -9.23
C PHE A 330 -11.49 14.61 -8.72
N SER A 331 -11.47 14.80 -7.40
CA SER A 331 -12.19 15.90 -6.78
C SER A 331 -11.24 16.63 -5.83
N PHE A 332 -11.14 17.95 -5.99
CA PHE A 332 -10.29 18.78 -5.14
C PHE A 332 -11.14 19.95 -4.65
N ASP A 333 -10.94 20.41 -3.43
CA ASP A 333 -11.75 21.53 -2.95
C ASP A 333 -11.01 22.86 -3.08
N TRP A 334 -9.98 22.86 -3.91
CA TRP A 334 -9.20 24.06 -4.20
C TRP A 334 -8.81 23.98 -5.68
N ASP A 335 -8.49 25.12 -6.28
CA ASP A 335 -8.14 25.20 -7.69
C ASP A 335 -6.71 24.76 -8.00
N ILE A 336 -6.46 23.47 -7.80
CA ILE A 336 -5.14 22.91 -8.04
C ILE A 336 -4.80 22.91 -9.52
N ASP A 337 -3.51 22.99 -9.82
CA ASP A 337 -3.03 22.96 -11.19
C ASP A 337 -3.08 21.47 -11.54
N PRO A 338 -3.97 21.07 -12.47
CA PRO A 338 -4.05 19.65 -12.82
C PRO A 338 -2.77 19.00 -13.37
N SER A 339 -1.78 19.82 -13.72
CA SER A 339 -0.53 19.28 -14.24
C SER A 339 0.25 18.61 -13.11
N LEU A 340 -0.23 18.79 -11.88
CA LEU A 340 0.41 18.22 -10.69
C LEU A 340 -0.07 16.82 -10.36
N ILE A 341 -1.17 16.40 -10.99
CA ILE A 341 -1.74 15.09 -10.70
C ILE A 341 -0.84 13.95 -11.15
N ILE A 342 -0.12 14.15 -12.25
CA ILE A 342 0.80 13.13 -12.74
C ILE A 342 2.22 13.63 -12.49
N LYS A 343 3.11 12.74 -12.08
CA LYS A 343 4.49 13.11 -11.82
C LYS A 343 5.32 12.03 -12.51
N VAL A 344 6.38 12.45 -13.20
CA VAL A 344 7.21 11.49 -13.91
C VAL A 344 8.62 11.36 -13.32
N TRP A 345 9.06 10.12 -13.14
CA TRP A 345 10.38 9.84 -12.61
C TRP A 345 11.13 8.94 -13.58
N SER A 346 11.73 9.53 -14.61
CA SER A 346 12.46 8.77 -15.62
C SER A 346 13.37 9.69 -16.43
N LYS A 347 14.21 9.10 -17.26
CA LYS A 347 15.11 9.87 -18.11
C LYS A 347 14.67 9.73 -19.56
N ASN A 348 13.67 8.89 -19.80
CA ASN A 348 13.17 8.69 -21.15
C ASN A 348 11.73 9.10 -21.30
N GLU A 349 11.29 9.25 -22.55
CA GLU A 349 9.91 9.58 -22.83
C GLU A 349 9.13 8.32 -22.55
N GLU A 350 8.47 8.26 -21.39
CA GLU A 350 7.70 7.07 -21.06
C GLU A 350 6.37 7.14 -21.78
N SER A 351 5.69 6.01 -21.89
CA SER A 351 4.39 5.95 -22.55
C SER A 351 3.33 5.53 -21.55
N MET A 352 2.14 6.10 -21.70
CA MET A 352 1.03 5.72 -20.85
C MET A 352 -0.22 6.07 -21.62
N TYR A 353 -1.33 5.41 -21.28
CA TYR A 353 -2.57 5.75 -21.94
C TYR A 353 -3.51 6.21 -20.86
N GLU A 354 -4.31 7.21 -21.19
CA GLU A 354 -5.24 7.78 -20.24
C GLU A 354 -6.46 8.28 -20.99
N THR A 355 -7.64 8.01 -20.46
CA THR A 355 -8.87 8.45 -21.10
C THR A 355 -10.02 8.50 -20.08
N GLY A 356 -11.00 9.34 -20.38
CA GLY A 356 -12.17 9.47 -19.53
C GLY A 356 -11.96 10.08 -18.16
N THR A 357 -10.84 10.78 -17.95
CA THR A 357 -10.58 11.40 -16.67
C THR A 357 -11.44 12.64 -16.43
N ILE A 358 -12.01 12.73 -15.24
CA ILE A 358 -12.80 13.90 -14.89
C ILE A 358 -12.13 14.57 -13.70
N VAL A 359 -12.07 15.89 -13.73
CA VAL A 359 -11.51 16.63 -12.61
C VAL A 359 -12.65 17.54 -12.14
N ASP A 360 -12.90 17.52 -10.84
CA ASP A 360 -13.97 18.32 -10.24
C ASP A 360 -13.32 19.34 -9.32
N LEU A 361 -13.23 20.58 -9.80
CA LEU A 361 -12.62 21.66 -9.04
C LEU A 361 -13.61 22.78 -8.72
N PRO A 362 -13.25 23.69 -7.80
CA PRO A 362 -14.20 24.76 -7.50
C PRO A 362 -14.50 25.63 -8.71
N ASN A 363 -13.58 25.66 -9.68
CA ASN A 363 -13.77 26.47 -10.87
C ASN A 363 -14.45 25.67 -11.98
N GLY A 364 -14.93 24.48 -11.64
CA GLY A 364 -15.62 23.67 -12.63
C GLY A 364 -15.32 22.18 -12.63
N ARG A 365 -16.23 21.43 -13.24
CA ARG A 365 -16.12 19.99 -13.35
C ARG A 365 -16.13 19.63 -14.83
N ARG A 366 -15.14 18.85 -15.28
CA ARG A 366 -15.10 18.48 -16.68
C ARG A 366 -14.10 17.38 -16.99
N TYR A 367 -14.22 16.81 -18.19
CA TYR A 367 -13.29 15.79 -18.63
C TYR A 367 -12.00 16.53 -18.92
N ILE A 368 -10.87 15.87 -18.67
CA ILE A 368 -9.59 16.51 -18.90
C ILE A 368 -8.55 15.49 -19.34
N ASP A 369 -7.59 15.95 -20.14
CA ASP A 369 -6.51 15.11 -20.61
C ASP A 369 -5.35 15.41 -19.65
N LEU A 370 -5.19 14.57 -18.63
CA LEU A 370 -4.14 14.78 -17.65
C LEU A 370 -2.74 14.67 -18.23
N VAL A 371 -2.56 13.83 -19.23
CA VAL A 371 -1.24 13.69 -19.85
C VAL A 371 -0.89 15.01 -20.54
N ALA A 372 -1.84 15.56 -21.29
CA ALA A 372 -1.63 16.82 -21.98
C ALA A 372 -1.40 17.93 -20.95
N SER A 373 -2.19 17.89 -19.88
CA SER A 373 -2.07 18.89 -18.83
C SER A 373 -0.66 18.84 -18.23
N TYR A 374 -0.17 17.63 -17.98
CA TYR A 374 1.17 17.46 -17.44
C TYR A 374 2.22 18.01 -18.41
N ASN A 375 2.14 17.60 -19.66
CA ASN A 375 3.10 18.03 -20.68
C ASN A 375 3.22 19.53 -20.88
N GLU A 376 2.09 20.23 -20.83
CA GLU A 376 2.08 21.67 -21.04
C GLU A 376 2.86 22.46 -20.00
N SER A 377 2.94 21.92 -18.78
CA SER A 377 3.64 22.62 -17.71
C SER A 377 4.95 21.98 -17.24
N ASN A 378 5.36 20.90 -17.89
CA ASN A 378 6.58 20.22 -17.47
C ASN A 378 7.62 20.08 -18.58
N THR A 379 8.83 19.68 -18.19
CA THR A 379 9.93 19.51 -19.13
C THR A 379 9.87 18.16 -19.84
N LEU A 380 10.32 17.11 -19.16
CA LEU A 380 10.31 15.77 -19.74
C LEU A 380 8.89 15.44 -20.13
N GLN A 381 8.67 15.17 -21.41
CA GLN A 381 7.34 14.87 -21.94
C GLN A 381 6.90 13.42 -21.77
N LEU A 382 5.59 13.24 -21.73
CA LEU A 382 4.98 11.94 -21.58
C LEU A 382 4.22 11.67 -22.87
N LYS A 383 4.42 10.50 -23.46
CA LYS A 383 3.73 10.17 -24.69
C LYS A 383 2.45 9.39 -24.42
N LYS A 384 1.33 9.91 -24.90
CA LYS A 384 0.07 9.21 -24.70
C LYS A 384 -0.12 8.29 -25.91
N GLU A 385 -0.05 7.00 -25.66
CA GLU A 385 -0.21 6.02 -26.72
C GLU A 385 -0.51 4.65 -26.13
N VAL A 386 -1.16 3.81 -26.93
CA VAL A 386 -1.52 2.47 -26.50
C VAL A 386 -0.41 1.49 -26.87
N THR A 387 0.25 0.93 -25.86
CA THR A 387 1.32 -0.03 -26.07
C THR A 387 0.81 -1.43 -25.74
N TRP A 388 -0.32 -1.49 -25.04
CA TRP A 388 -0.95 -2.75 -24.66
C TRP A 388 -2.41 -2.47 -24.41
N LYS A 389 -3.24 -3.51 -24.47
CA LYS A 389 -4.67 -3.35 -24.25
C LYS A 389 -5.12 -4.25 -23.11
N PRO A 390 -5.59 -3.66 -22.00
CA PRO A 390 -6.06 -4.43 -20.84
C PRO A 390 -7.21 -5.33 -21.27
N MET A 391 -7.15 -6.60 -20.89
CA MET A 391 -8.20 -7.54 -21.25
C MET A 391 -8.92 -8.05 -20.00
N PHE A 392 -8.25 -7.96 -18.86
CA PHE A 392 -8.83 -8.45 -17.61
C PHE A 392 -9.74 -7.50 -16.84
N TYR A 393 -10.97 -7.39 -17.31
CA TYR A 393 -11.97 -6.60 -16.63
C TYR A 393 -13.35 -7.02 -17.11
N HIS A 394 -14.33 -6.96 -16.22
CA HIS A 394 -15.69 -7.33 -16.56
C HIS A 394 -16.45 -6.10 -17.04
N VAL A 395 -16.33 -5.00 -16.31
CA VAL A 395 -17.02 -3.77 -16.66
C VAL A 395 -16.27 -2.52 -16.23
N ILE A 396 -16.32 -1.51 -17.08
CA ILE A 396 -15.71 -0.23 -16.76
C ILE A 396 -16.88 0.74 -16.77
N HIS A 397 -17.15 1.36 -15.62
CA HIS A 397 -18.25 2.29 -15.51
C HIS A 397 -17.94 3.66 -16.07
N PRO A 398 -18.97 4.39 -16.52
CA PRO A 398 -18.80 5.74 -17.07
C PRO A 398 -18.29 6.62 -15.93
N THR A 399 -17.29 7.44 -16.21
CA THR A 399 -16.69 8.28 -15.19
C THR A 399 -17.61 9.05 -14.24
N PRO A 400 -18.70 9.66 -14.76
CA PRO A 400 -19.52 10.39 -13.79
C PRO A 400 -20.23 9.54 -12.73
N SER A 401 -20.32 8.24 -12.95
CA SER A 401 -20.97 7.33 -11.99
C SER A 401 -19.99 6.84 -10.91
N VAL A 402 -18.70 7.05 -11.14
CA VAL A 402 -17.67 6.58 -10.22
C VAL A 402 -17.74 7.05 -8.75
N PRO A 403 -17.85 8.37 -8.52
CA PRO A 403 -17.91 8.85 -7.13
C PRO A 403 -18.99 8.19 -6.26
N ALA A 404 -20.23 8.22 -6.73
CA ALA A 404 -21.34 7.63 -5.98
C ALA A 404 -21.10 6.14 -5.71
N LEU A 405 -20.68 5.42 -6.74
CA LEU A 405 -20.42 4.00 -6.62
C LEU A 405 -19.31 3.66 -5.64
N VAL A 406 -18.15 4.30 -5.80
CA VAL A 406 -17.00 4.06 -4.95
C VAL A 406 -17.27 4.47 -3.50
N LYS A 407 -17.89 5.63 -3.31
CA LYS A 407 -18.18 6.08 -1.96
C LYS A 407 -19.12 5.11 -1.24
N ALA A 408 -20.02 4.51 -2.00
CA ALA A 408 -20.99 3.58 -1.43
C ALA A 408 -20.49 2.16 -1.19
N LYS A 409 -19.63 1.65 -2.08
CA LYS A 409 -19.16 0.27 -1.96
C LYS A 409 -17.71 -0.01 -1.58
N ALA A 410 -16.84 0.98 -1.69
CA ALA A 410 -15.44 0.75 -1.34
C ALA A 410 -15.20 0.69 0.16
N GLY A 411 -14.21 -0.11 0.57
CA GLY A 411 -13.85 -0.19 1.97
C GLY A 411 -14.38 -1.36 2.78
N ALA A 412 -13.74 -1.55 3.94
CA ALA A 412 -14.13 -2.60 4.86
C ALA A 412 -15.54 -2.33 5.37
N GLY A 413 -16.30 -3.40 5.57
CA GLY A 413 -17.66 -3.29 6.04
C GLY A 413 -18.70 -2.95 4.98
N ASN A 414 -18.28 -2.77 3.74
CA ASN A 414 -19.21 -2.44 2.65
C ASN A 414 -19.45 -3.50 1.61
N LEU A 415 -19.37 -4.76 2.03
CA LEU A 415 -19.63 -5.87 1.17
C LEU A 415 -21.02 -6.36 1.52
N HIS A 416 -20.98 -7.68 1.59
CA HIS A 416 -21.99 -8.68 1.86
C HIS A 416 -21.87 -9.73 0.73
CA CA B . 7.27 -0.54 1.84
#